data_1VD1
#
_entry.id   1VD1
#
_cell.length_a   37.289
_cell.length_b   69.787
_cell.length_c   73.748
_cell.angle_alpha   90.00
_cell.angle_beta   90.00
_cell.angle_gamma   90.00
#
_symmetry.space_group_name_H-M   'P 21 21 21'
#
loop_
_entity.id
_entity.type
_entity.pdbx_description
1 polymer 'RNase NGR3'
2 non-polymer 'ADENOSINE MONOPHOSPHATE'
3 water water
#
_entity_poly.entity_id   1
_entity_poly.type   'polypeptide(L)'
_entity_poly.pdbx_seq_one_letter_code
;YVEFAQDFDFFYFVQQWPASYCDTRRSCCYPTTGKPDEDFSIHGLWPNYENGKWPQNCDRESSLDESEISDLISTMEKNW
PSLACPSSDGVRFWSHEWLKHGTCSALGERAYFQAALDFRKKSNLLENLKNAEITPRNGEHYTLESIKKAIEEGVGHSPY
IECNVDTQGNHQIYQVYLCVDKTATDFIDCPIFPHGRGCGSKIEFPPFSSESDHDEF
;
_entity_poly.pdbx_strand_id   A
#
loop_
_chem_comp.id
_chem_comp.type
_chem_comp.name
_chem_comp.formula
AMP non-polymer 'ADENOSINE MONOPHOSPHATE' 'C10 H14 N5 O7 P'
#
# COMPACT_ATOMS: atom_id res chain seq x y z
N GLN A 6 8.06 5.85 -21.26
CA GLN A 6 9.51 5.77 -20.95
C GLN A 6 9.91 6.88 -19.98
N ASP A 7 10.46 6.49 -18.83
CA ASP A 7 10.89 7.44 -17.81
C ASP A 7 9.70 8.08 -17.09
N PHE A 8 9.90 8.38 -15.82
CA PHE A 8 8.87 9.02 -15.00
C PHE A 8 9.55 9.83 -13.92
N ASP A 9 8.77 10.41 -13.02
CA ASP A 9 9.35 11.25 -11.98
C ASP A 9 9.60 10.65 -10.61
N PHE A 10 8.66 9.86 -10.11
CA PHE A 10 8.79 9.25 -8.79
C PHE A 10 7.78 8.12 -8.66
N PHE A 11 7.84 7.41 -7.53
CA PHE A 11 6.90 6.32 -7.24
C PHE A 11 6.00 6.66 -6.07
N TYR A 12 4.75 6.25 -6.15
CA TYR A 12 3.87 6.38 -4.99
C TYR A 12 4.01 4.95 -4.46
N PHE A 13 4.36 4.79 -3.19
CA PHE A 13 4.42 3.46 -2.58
C PHE A 13 3.16 3.46 -1.74
N VAL A 14 2.22 2.61 -2.12
CA VAL A 14 0.93 2.58 -1.45
C VAL A 14 0.70 1.35 -0.60
N GLN A 15 0.44 1.58 0.68
CA GLN A 15 0.15 0.49 1.60
C GLN A 15 -1.30 0.60 2.01
N GLN A 16 -1.85 -0.48 2.52
CA GLN A 16 -3.25 -0.51 2.88
C GLN A 16 -3.42 -1.15 4.26
N TRP A 17 -4.53 -0.80 4.92
CA TRP A 17 -4.84 -1.39 6.22
C TRP A 17 -5.89 -2.43 5.85
N PRO A 18 -5.51 -3.73 5.87
CA PRO A 18 -6.46 -4.79 5.51
C PRO A 18 -7.84 -4.69 6.16
N ALA A 19 -7.86 -4.39 7.45
CA ALA A 19 -9.12 -4.29 8.17
C ALA A 19 -10.10 -3.30 7.56
N SER A 20 -9.57 -2.22 6.98
CA SER A 20 -10.41 -1.19 6.38
C SER A 20 -10.92 -1.54 5.00
N TYR A 21 -10.38 -2.61 4.42
CA TYR A 21 -10.83 -3.07 3.12
C TYR A 21 -11.90 -4.12 3.37
N CYS A 22 -11.86 -4.71 4.57
CA CYS A 22 -12.80 -5.77 4.93
C CYS A 22 -13.98 -5.40 5.81
N ASP A 23 -14.18 -4.12 6.09
CA ASP A 23 -15.31 -3.73 6.93
C ASP A 23 -16.22 -2.75 6.21
N THR A 24 -16.21 -2.79 4.89
CA THR A 24 -17.04 -1.92 4.07
C THR A 24 -18.11 -2.78 3.40
N ARG A 25 -18.87 -2.18 2.48
CA ARG A 25 -19.92 -2.92 1.79
C ARG A 25 -19.34 -3.79 0.68
N ARG A 26 -18.04 -3.70 0.46
CA ARG A 26 -17.38 -4.49 -0.58
C ARG A 26 -17.21 -5.90 -0.02
N SER A 27 -17.09 -6.89 -0.90
CA SER A 27 -16.88 -8.26 -0.44
C SER A 27 -15.37 -8.44 -0.25
N CYS A 28 -14.99 -9.04 0.87
CA CYS A 28 -13.59 -9.28 1.16
C CYS A 28 -13.40 -10.75 1.49
N CYS A 29 -12.46 -11.38 0.80
CA CYS A 29 -12.15 -12.79 1.00
C CYS A 29 -10.68 -12.96 1.36
N TYR A 30 -10.42 -13.68 2.44
CA TYR A 30 -9.04 -13.93 2.88
C TYR A 30 -8.35 -14.80 1.85
N PRO A 31 -7.03 -14.59 1.65
CA PRO A 31 -6.24 -15.36 0.69
C PRO A 31 -6.29 -16.85 1.00
N THR A 32 -6.01 -17.68 -0.01
CA THR A 32 -6.00 -19.12 0.19
C THR A 32 -4.99 -19.54 1.25
N THR A 33 -4.17 -18.61 1.70
CA THR A 33 -3.16 -18.90 2.72
C THR A 33 -3.64 -18.57 4.13
N GLY A 34 -4.91 -18.19 4.25
CA GLY A 34 -5.46 -17.87 5.55
C GLY A 34 -5.58 -16.39 5.82
N LYS A 35 -6.11 -16.04 6.99
CA LYS A 35 -6.29 -14.65 7.40
C LYS A 35 -4.95 -13.93 7.37
N PRO A 36 -4.89 -12.74 6.72
CA PRO A 36 -3.67 -11.96 6.63
C PRO A 36 -3.21 -11.43 7.99
N ASP A 37 -1.95 -11.02 8.06
CA ASP A 37 -1.42 -10.47 9.30
C ASP A 37 -2.17 -9.18 9.62
N GLU A 38 -2.30 -8.87 10.91
CA GLU A 38 -2.97 -7.66 11.36
C GLU A 38 -1.91 -6.57 11.25
N ASP A 39 -1.54 -6.23 10.01
CA ASP A 39 -0.50 -5.24 9.77
C ASP A 39 -0.74 -4.58 8.42
N PHE A 40 -0.09 -3.45 8.17
CA PHE A 40 -0.25 -2.78 6.88
C PHE A 40 0.29 -3.68 5.78
N SER A 41 -0.42 -3.74 4.66
CA SER A 41 -0.01 -4.57 3.54
C SER A 41 0.33 -3.69 2.34
N ILE A 42 0.88 -4.30 1.30
CA ILE A 42 1.24 -3.56 0.11
C ILE A 42 0.08 -3.55 -0.88
N HIS A 43 -0.19 -2.40 -1.48
CA HIS A 43 -1.20 -2.37 -2.52
C HIS A 43 -0.39 -2.30 -3.81
N GLY A 44 0.50 -1.29 -3.89
CA GLY A 44 1.31 -1.19 -5.08
C GLY A 44 2.46 -0.20 -5.02
N LEU A 45 3.31 -0.27 -6.04
CA LEU A 45 4.46 0.61 -6.20
C LEU A 45 4.20 1.21 -7.57
N TRP A 46 3.75 2.45 -7.59
CA TRP A 46 3.36 3.08 -8.85
C TRP A 46 4.18 4.22 -9.44
N PRO A 47 4.76 4.00 -10.63
CA PRO A 47 5.54 5.05 -11.30
C PRO A 47 4.53 6.18 -11.51
N ASN A 48 4.98 7.42 -11.37
CA ASN A 48 4.07 8.57 -11.48
C ASN A 48 4.79 9.78 -12.06
N TYR A 49 4.02 10.74 -12.55
CA TYR A 49 4.56 11.99 -13.09
C TYR A 49 4.20 13.11 -12.12
N GLU A 50 5.04 14.14 -12.07
CA GLU A 50 4.77 15.25 -11.18
C GLU A 50 3.53 16.04 -11.60
N ASN A 51 3.06 15.82 -12.83
CA ASN A 51 1.86 16.53 -13.29
C ASN A 51 0.58 15.82 -12.87
N GLY A 52 0.70 14.80 -12.03
CA GLY A 52 -0.47 14.09 -11.56
C GLY A 52 -0.91 12.90 -12.39
N LYS A 53 -0.36 12.76 -13.58
CA LYS A 53 -0.71 11.63 -14.45
C LYS A 53 0.35 10.56 -14.23
N TRP A 54 0.19 9.41 -14.88
CA TRP A 54 1.17 8.35 -14.70
C TRP A 54 1.17 7.38 -15.86
N PRO A 55 2.28 6.66 -16.04
CA PRO A 55 2.33 5.69 -17.15
C PRO A 55 1.72 4.40 -16.63
N GLN A 56 1.20 3.57 -17.52
CA GLN A 56 0.63 2.29 -17.10
C GLN A 56 0.54 1.36 -18.29
N ASN A 57 0.63 0.06 -18.04
CA ASN A 57 0.55 -0.94 -19.10
C ASN A 57 1.63 -0.72 -20.15
N CYS A 58 2.87 -0.56 -19.69
CA CYS A 58 4.00 -0.30 -20.57
C CYS A 58 4.52 -1.49 -21.38
N ASP A 59 4.01 -2.68 -21.10
CA ASP A 59 4.43 -3.87 -21.84
C ASP A 59 3.34 -4.92 -21.73
N ARG A 60 2.32 -4.79 -22.56
CA ARG A 60 1.20 -5.73 -22.55
C ARG A 60 1.60 -7.14 -23.01
N GLU A 61 2.89 -7.34 -23.24
CA GLU A 61 3.39 -8.65 -23.67
C GLU A 61 4.17 -9.34 -22.56
N SER A 62 4.67 -8.56 -21.60
CA SER A 62 5.45 -9.08 -20.49
C SER A 62 4.62 -9.62 -19.34
N SER A 63 4.24 -10.89 -19.42
CA SER A 63 3.44 -11.51 -18.36
C SER A 63 4.30 -11.77 -17.12
N LEU A 64 3.64 -12.04 -15.99
CA LEU A 64 4.33 -12.30 -14.72
C LEU A 64 5.01 -13.66 -14.69
N ASP A 65 6.33 -13.66 -14.49
CA ASP A 65 7.08 -14.91 -14.42
C ASP A 65 7.35 -15.25 -12.95
N GLU A 66 6.51 -16.12 -12.40
CA GLU A 66 6.61 -16.52 -11.01
C GLU A 66 7.92 -17.18 -10.61
N SER A 67 8.65 -17.72 -11.58
CA SER A 67 9.93 -18.35 -11.27
C SER A 67 10.95 -17.32 -10.82
N GLU A 68 10.80 -16.09 -11.30
CA GLU A 68 11.72 -15.01 -10.94
C GLU A 68 11.52 -14.53 -9.51
N ILE A 69 10.35 -14.81 -8.94
CA ILE A 69 10.06 -14.41 -7.57
C ILE A 69 9.62 -15.59 -6.69
N SER A 70 9.95 -16.80 -7.12
CA SER A 70 9.60 -18.02 -6.40
C SER A 70 9.83 -17.96 -4.90
N ASP A 71 11.06 -17.65 -4.52
CA ASP A 71 11.45 -17.57 -3.12
C ASP A 71 10.85 -16.38 -2.38
N LEU A 72 10.09 -15.55 -3.10
CA LEU A 72 9.47 -14.38 -2.50
C LEU A 72 7.96 -14.56 -2.34
N ILE A 73 7.42 -15.59 -2.98
CA ILE A 73 5.99 -15.87 -2.94
C ILE A 73 5.36 -15.97 -1.55
N SER A 74 5.97 -16.75 -0.66
CA SER A 74 5.41 -16.90 0.68
C SER A 74 5.35 -15.58 1.43
N THR A 75 6.37 -14.74 1.24
CA THR A 75 6.42 -13.43 1.90
C THR A 75 5.34 -12.52 1.33
N MET A 76 5.17 -12.56 0.01
CA MET A 76 4.17 -11.73 -0.64
C MET A 76 2.74 -12.14 -0.30
N GLU A 77 2.52 -13.44 -0.08
CA GLU A 77 1.18 -13.91 0.26
C GLU A 77 0.78 -13.28 1.59
N LYS A 78 1.78 -12.95 2.39
CA LYS A 78 1.52 -12.37 3.70
C LYS A 78 1.58 -10.83 3.73
N ASN A 79 2.48 -10.27 2.94
CA ASN A 79 2.65 -8.81 2.91
C ASN A 79 1.95 -8.10 1.75
N TRP A 80 1.52 -8.85 0.74
CA TRP A 80 0.85 -8.28 -0.43
C TRP A 80 -0.33 -9.17 -0.79
N PRO A 81 -1.17 -9.51 0.19
CA PRO A 81 -2.32 -10.37 -0.07
C PRO A 81 -3.42 -9.74 -0.93
N SER A 82 -4.19 -10.59 -1.57
CA SER A 82 -5.34 -10.13 -2.36
C SER A 82 -6.50 -10.39 -1.42
N LEU A 83 -7.36 -9.41 -1.23
CA LEU A 83 -8.50 -9.57 -0.34
C LEU A 83 -9.79 -9.64 -1.13
N ALA A 84 -9.65 -9.68 -2.46
CA ALA A 84 -10.81 -9.75 -3.33
C ALA A 84 -11.42 -11.13 -3.29
N CYS A 85 -12.65 -11.25 -3.78
CA CYS A 85 -13.36 -12.52 -3.82
C CYS A 85 -13.50 -12.97 -5.26
N PRO A 86 -13.44 -14.29 -5.51
CA PRO A 86 -13.26 -15.36 -4.52
C PRO A 86 -11.83 -15.38 -3.99
N SER A 87 -11.61 -16.13 -2.92
CA SER A 87 -10.27 -16.22 -2.34
C SER A 87 -9.26 -16.75 -3.37
N SER A 88 -8.11 -16.08 -3.46
CA SER A 88 -7.07 -16.46 -4.41
C SER A 88 -5.69 -16.51 -3.73
N ASP A 89 -4.67 -16.95 -4.49
CA ASP A 89 -3.32 -17.03 -3.95
C ASP A 89 -2.58 -15.71 -4.06
N GLY A 90 -3.22 -14.73 -4.69
CA GLY A 90 -2.62 -13.42 -4.87
C GLY A 90 -1.91 -13.22 -6.19
N VAL A 91 -1.62 -14.31 -6.89
CA VAL A 91 -0.93 -14.23 -8.18
C VAL A 91 -1.63 -13.30 -9.17
N ARG A 92 -2.96 -13.37 -9.24
CA ARG A 92 -3.71 -12.52 -10.15
C ARG A 92 -3.49 -11.05 -9.78
N PHE A 93 -3.49 -10.78 -8.50
CA PHE A 93 -3.29 -9.43 -7.99
C PHE A 93 -1.88 -8.95 -8.33
N TRP A 94 -0.89 -9.80 -8.12
CA TRP A 94 0.49 -9.43 -8.43
C TRP A 94 0.73 -9.27 -9.91
N SER A 95 0.10 -10.14 -10.70
CA SER A 95 0.24 -10.08 -12.15
C SER A 95 -0.31 -8.75 -12.63
N HIS A 96 -1.44 -8.35 -12.04
CA HIS A 96 -2.09 -7.08 -12.39
C HIS A 96 -1.21 -5.88 -12.07
N GLU A 97 -0.65 -5.84 -10.86
CA GLU A 97 0.21 -4.73 -10.48
C GLU A 97 1.49 -4.73 -11.29
N TRP A 98 2.01 -5.91 -11.59
CA TRP A 98 3.24 -5.99 -12.38
C TRP A 98 3.01 -5.47 -13.80
N LEU A 99 1.97 -5.97 -14.46
CA LEU A 99 1.68 -5.55 -15.82
C LEU A 99 1.30 -4.08 -15.92
N LYS A 100 0.40 -3.64 -15.04
CA LYS A 100 -0.06 -2.26 -15.07
C LYS A 100 0.97 -1.23 -14.64
N HIS A 101 1.70 -1.55 -13.58
CA HIS A 101 2.66 -0.61 -13.04
C HIS A 101 4.12 -1.03 -13.13
N GLY A 102 4.39 -2.28 -12.75
CA GLY A 102 5.77 -2.77 -12.79
C GLY A 102 6.46 -2.64 -14.13
N THR A 103 5.75 -2.94 -15.21
CA THR A 103 6.35 -2.85 -16.54
C THR A 103 6.80 -1.42 -16.86
N CYS A 104 6.28 -0.44 -16.11
CA CYS A 104 6.62 0.97 -16.33
C CYS A 104 7.66 1.49 -15.36
N SER A 105 8.14 0.63 -14.47
CA SER A 105 9.09 1.02 -13.44
C SER A 105 10.56 0.98 -13.82
N ALA A 106 10.87 0.41 -14.98
CA ALA A 106 12.26 0.32 -15.42
C ALA A 106 13.01 -0.71 -14.57
N LEU A 107 12.28 -1.42 -13.71
CA LEU A 107 12.89 -2.43 -12.85
C LEU A 107 12.55 -3.82 -13.36
N GLY A 108 13.44 -4.78 -13.08
CA GLY A 108 13.17 -6.14 -13.49
C GLY A 108 12.06 -6.64 -12.57
N GLU A 109 11.41 -7.72 -12.94
CA GLU A 109 10.33 -8.24 -12.11
C GLU A 109 10.75 -8.50 -10.67
N ARG A 110 11.87 -9.17 -10.46
CA ARG A 110 12.31 -9.46 -9.09
C ARG A 110 12.61 -8.19 -8.30
N ALA A 111 13.36 -7.28 -8.89
CA ALA A 111 13.72 -6.01 -8.24
C ALA A 111 12.50 -5.21 -7.86
N TYR A 112 11.48 -5.24 -8.71
CA TYR A 112 10.23 -4.51 -8.48
C TYR A 112 9.55 -5.01 -7.21
N PHE A 113 9.34 -6.32 -7.14
CA PHE A 113 8.69 -6.86 -5.95
C PHE A 113 9.57 -6.79 -4.70
N GLN A 114 10.87 -6.94 -4.87
CA GLN A 114 11.75 -6.84 -3.70
C GLN A 114 11.67 -5.40 -3.19
N ALA A 115 11.65 -4.45 -4.12
CA ALA A 115 11.56 -3.04 -3.76
C ALA A 115 10.33 -2.78 -2.89
N ALA A 116 9.18 -3.28 -3.34
CA ALA A 116 7.93 -3.10 -2.60
C ALA A 116 8.05 -3.67 -1.19
N LEU A 117 8.54 -4.90 -1.10
CA LEU A 117 8.72 -5.56 0.18
C LEU A 117 9.68 -4.78 1.07
N ASP A 118 10.78 -4.32 0.49
CA ASP A 118 11.78 -3.57 1.24
C ASP A 118 11.23 -2.25 1.79
N PHE A 119 10.45 -1.52 0.99
CA PHE A 119 9.90 -0.27 1.47
C PHE A 119 8.80 -0.47 2.50
N ARG A 120 8.04 -1.57 2.39
CA ARG A 120 6.99 -1.83 3.36
C ARG A 120 7.69 -2.00 4.71
N LYS A 121 8.77 -2.78 4.70
CA LYS A 121 9.54 -3.04 5.91
C LYS A 121 10.23 -1.78 6.43
N LYS A 122 10.84 -1.01 5.53
CA LYS A 122 11.52 0.22 5.93
C LYS A 122 10.57 1.23 6.57
N SER A 123 9.41 1.43 5.95
CA SER A 123 8.45 2.40 6.47
C SER A 123 7.90 1.97 7.83
N ASN A 124 7.87 0.66 8.08
CA ASN A 124 7.41 0.09 9.33
C ASN A 124 6.29 0.89 10.00
N LEU A 125 5.19 1.05 9.27
CA LEU A 125 4.04 1.82 9.73
C LEU A 125 3.42 1.40 11.06
N LEU A 126 3.01 0.14 11.15
CA LEU A 126 2.35 -0.34 12.36
C LEU A 126 3.15 -0.04 13.62
N GLU A 127 4.45 -0.33 13.60
CA GLU A 127 5.28 -0.08 14.77
C GLU A 127 5.41 1.40 15.08
N ASN A 128 5.60 2.22 14.05
CA ASN A 128 5.72 3.66 14.25
C ASN A 128 4.48 4.24 14.89
N LEU A 129 3.32 3.70 14.51
CA LEU A 129 2.06 4.15 15.07
C LEU A 129 1.99 3.70 16.53
N LYS A 130 2.41 2.46 16.77
CA LYS A 130 2.41 1.91 18.13
C LYS A 130 3.30 2.75 19.05
N ASN A 131 4.45 3.19 18.55
CA ASN A 131 5.36 4.01 19.34
C ASN A 131 4.71 5.34 19.75
N ALA A 132 3.57 5.65 19.16
CA ALA A 132 2.84 6.88 19.47
C ALA A 132 1.49 6.56 20.09
N GLU A 133 1.40 5.38 20.68
CA GLU A 133 0.18 4.93 21.32
C GLU A 133 -1.04 4.98 20.42
N ILE A 134 -0.82 4.69 19.13
CA ILE A 134 -1.89 4.66 18.14
C ILE A 134 -2.03 3.19 17.75
N THR A 135 -3.03 2.52 18.34
CA THR A 135 -3.28 1.10 18.08
C THR A 135 -4.72 0.85 17.64
N PRO A 136 -4.94 -0.24 16.89
CA PRO A 136 -6.29 -0.57 16.40
C PRO A 136 -7.37 -0.65 17.48
N ARG A 137 -8.55 -0.14 17.15
CA ARG A 137 -9.71 -0.13 18.04
C ARG A 137 -10.91 0.44 17.28
N ASN A 138 -12.11 0.11 17.74
CA ASN A 138 -13.31 0.61 17.08
C ASN A 138 -13.55 2.09 17.35
N GLY A 139 -14.22 2.75 16.40
CA GLY A 139 -14.52 4.17 16.54
C GLY A 139 -13.44 5.12 16.06
N GLU A 140 -13.84 6.35 15.76
CA GLU A 140 -12.92 7.39 15.29
C GLU A 140 -12.21 7.95 16.53
N HIS A 141 -11.26 7.19 17.04
CA HIS A 141 -10.53 7.54 18.25
C HIS A 141 -9.25 8.36 18.08
N TYR A 142 -8.72 8.45 16.85
CA TYR A 142 -7.47 9.17 16.65
C TYR A 142 -7.50 10.40 15.74
N THR A 143 -6.66 11.38 16.06
CA THR A 143 -6.59 12.58 15.23
C THR A 143 -5.71 12.25 14.02
N LEU A 144 -6.06 12.80 12.87
CA LEU A 144 -5.30 12.56 11.65
C LEU A 144 -3.88 13.08 11.85
N GLU A 145 -3.76 14.22 12.52
CA GLU A 145 -2.46 14.81 12.79
C GLU A 145 -1.53 13.86 13.54
N SER A 146 -2.05 13.21 14.57
CA SER A 146 -1.23 12.29 15.36
C SER A 146 -0.74 11.15 14.50
N ILE A 147 -1.58 10.67 13.60
CA ILE A 147 -1.23 9.58 12.70
C ILE A 147 -0.15 9.99 11.71
N LYS A 148 -0.30 11.17 11.10
CA LYS A 148 0.67 11.66 10.13
C LYS A 148 2.06 11.88 10.73
N LYS A 149 2.11 12.47 11.92
CA LYS A 149 3.39 12.73 12.56
C LYS A 149 4.06 11.44 13.02
N ALA A 150 3.28 10.51 13.55
CA ALA A 150 3.82 9.24 14.02
C ALA A 150 4.53 8.52 12.87
N ILE A 151 3.96 8.62 11.67
CA ILE A 151 4.56 7.99 10.49
C ILE A 151 5.76 8.81 10.06
N GLU A 152 5.62 10.13 10.09
CA GLU A 152 6.70 11.04 9.74
C GLU A 152 7.93 10.77 10.59
N GLU A 153 7.69 10.52 11.88
CA GLU A 153 8.76 10.24 12.83
C GLU A 153 9.66 9.10 12.38
N GLY A 154 9.05 7.96 12.05
CA GLY A 154 9.82 6.81 11.64
C GLY A 154 10.32 6.77 10.20
N VAL A 155 9.68 7.54 9.32
CA VAL A 155 10.08 7.55 7.91
C VAL A 155 10.90 8.77 7.50
N GLY A 156 10.73 9.88 8.21
CA GLY A 156 11.47 11.07 7.87
C GLY A 156 10.85 11.82 6.71
N HIS A 157 9.65 11.41 6.32
CA HIS A 157 8.93 12.05 5.22
C HIS A 157 7.44 11.96 5.52
N SER A 158 6.69 12.97 5.09
CA SER A 158 5.27 13.00 5.35
C SER A 158 4.49 12.12 4.37
N PRO A 159 3.54 11.34 4.90
CA PRO A 159 2.72 10.45 4.08
C PRO A 159 1.41 11.14 3.76
N TYR A 160 0.69 10.61 2.79
CA TYR A 160 -0.63 11.13 2.47
C TYR A 160 -1.52 9.99 2.96
N ILE A 161 -2.59 10.32 3.70
CA ILE A 161 -3.49 9.30 4.21
C ILE A 161 -4.81 9.29 3.47
N GLU A 162 -5.20 8.12 2.97
CA GLU A 162 -6.47 7.97 2.26
C GLU A 162 -7.43 7.29 3.23
N CYS A 163 -8.61 7.87 3.39
CA CYS A 163 -9.63 7.31 4.27
C CYS A 163 -10.86 6.86 3.51
N ASN A 164 -11.49 5.79 4.00
CA ASN A 164 -12.73 5.33 3.41
C ASN A 164 -13.72 5.21 4.56
N VAL A 165 -14.86 4.58 4.35
CA VAL A 165 -15.85 4.46 5.41
C VAL A 165 -16.35 3.05 5.62
N ASP A 166 -16.46 2.63 6.88
CA ASP A 166 -16.94 1.29 7.17
C ASP A 166 -18.46 1.27 7.16
N THR A 167 -19.05 0.09 7.22
CA THR A 167 -20.51 -0.05 7.19
C THR A 167 -21.18 0.74 8.31
N GLN A 168 -20.42 1.07 9.34
CA GLN A 168 -20.95 1.82 10.49
C GLN A 168 -21.04 3.31 10.17
N GLY A 169 -20.34 3.73 9.13
CA GLY A 169 -20.35 5.14 8.77
C GLY A 169 -19.13 5.85 9.31
N ASN A 170 -18.27 5.13 10.01
CA ASN A 170 -17.05 5.71 10.57
C ASN A 170 -16.00 5.94 9.49
N HIS A 171 -15.25 7.02 9.65
CA HIS A 171 -14.17 7.34 8.72
C HIS A 171 -12.97 6.62 9.30
N GLN A 172 -12.25 5.89 8.45
CA GLN A 172 -11.10 5.11 8.91
C GLN A 172 -9.90 5.23 7.99
N ILE A 173 -8.72 4.97 8.54
CA ILE A 173 -7.49 5.01 7.76
C ILE A 173 -7.53 3.80 6.84
N TYR A 174 -7.45 4.04 5.53
CA TYR A 174 -7.52 2.97 4.55
C TYR A 174 -6.19 2.72 3.85
N GLN A 175 -5.62 3.76 3.26
CA GLN A 175 -4.33 3.60 2.60
C GLN A 175 -3.33 4.70 2.96
N VAL A 176 -2.05 4.36 2.91
CA VAL A 176 -0.98 5.28 3.24
C VAL A 176 -0.04 5.43 2.06
N TYR A 177 0.13 6.66 1.60
CA TYR A 177 0.98 6.95 0.46
C TYR A 177 2.30 7.58 0.88
N LEU A 178 3.38 7.02 0.38
CA LEU A 178 4.72 7.53 0.62
C LEU A 178 5.35 7.58 -0.76
N CYS A 179 6.28 8.51 -0.95
CA CYS A 179 6.95 8.64 -2.24
C CYS A 179 8.37 8.09 -2.20
N VAL A 180 8.75 7.43 -3.29
CA VAL A 180 10.06 6.84 -3.47
C VAL A 180 10.69 7.41 -4.73
N ASP A 181 12.00 7.63 -4.71
CA ASP A 181 12.68 8.21 -5.87
C ASP A 181 12.57 7.27 -7.08
N LYS A 182 12.74 7.84 -8.27
CA LYS A 182 12.63 7.08 -9.53
C LYS A 182 13.53 5.87 -9.65
N THR A 183 14.62 5.83 -8.88
CA THR A 183 15.53 4.69 -8.94
C THR A 183 15.17 3.64 -7.89
N ALA A 184 14.08 3.89 -7.16
CA ALA A 184 13.59 2.98 -6.13
C ALA A 184 14.62 2.71 -5.04
N THR A 185 15.35 3.75 -4.67
CA THR A 185 16.40 3.63 -3.65
C THR A 185 15.97 4.12 -2.27
N ASP A 186 15.45 5.35 -2.21
CA ASP A 186 15.03 5.92 -0.94
C ASP A 186 13.67 6.62 -0.97
N PHE A 187 13.14 6.85 0.23
CA PHE A 187 11.88 7.56 0.35
C PHE A 187 12.26 9.02 0.11
N ILE A 188 11.31 9.81 -0.39
CA ILE A 188 11.57 11.21 -0.65
C ILE A 188 10.30 11.98 -0.31
N ASP A 189 10.39 13.30 -0.28
CA ASP A 189 9.20 14.10 -0.01
C ASP A 189 8.37 14.03 -1.29
N CYS A 190 7.07 13.84 -1.15
CA CYS A 190 6.19 13.75 -2.31
C CYS A 190 6.09 15.09 -3.03
N PRO A 191 6.38 15.10 -4.35
CA PRO A 191 6.30 16.33 -5.15
C PRO A 191 4.86 16.84 -5.18
N ILE A 192 3.92 15.90 -5.24
CA ILE A 192 2.51 16.18 -5.26
C ILE A 192 1.81 15.07 -4.47
N PHE A 193 0.59 15.33 -4.03
CA PHE A 193 -0.18 14.35 -3.26
C PHE A 193 -1.44 13.94 -4.01
N PRO A 194 -1.89 12.69 -3.82
CA PRO A 194 -3.08 12.13 -4.45
C PRO A 194 -4.26 13.07 -4.60
N HIS A 195 -5.01 12.86 -5.68
CA HIS A 195 -6.18 13.64 -6.04
C HIS A 195 -7.24 13.69 -4.94
N GLY A 196 -8.00 12.60 -4.83
CA GLY A 196 -9.07 12.47 -3.86
C GLY A 196 -9.03 13.29 -2.59
N ARG A 197 -10.20 13.47 -1.98
CA ARG A 197 -10.37 14.22 -0.75
C ARG A 197 -9.53 13.66 0.39
N GLY A 198 -9.04 14.55 1.24
CA GLY A 198 -8.25 14.12 2.39
C GLY A 198 -9.17 13.56 3.45
N CYS A 199 -8.61 13.13 4.57
CA CYS A 199 -9.37 12.56 5.67
C CYS A 199 -10.03 13.57 6.61
N GLY A 200 -10.88 13.05 7.48
CA GLY A 200 -11.55 13.89 8.48
C GLY A 200 -10.53 14.16 9.57
N SER A 201 -10.86 15.00 10.54
CA SER A 201 -9.91 15.33 11.60
C SER A 201 -9.68 14.19 12.60
N LYS A 202 -10.71 13.37 12.82
CA LYS A 202 -10.61 12.24 13.74
C LYS A 202 -11.02 10.97 12.99
N ILE A 203 -10.14 9.97 12.98
CA ILE A 203 -10.44 8.74 12.26
C ILE A 203 -10.27 7.45 13.05
N GLU A 204 -10.85 6.40 12.49
CA GLU A 204 -10.82 5.06 13.06
C GLU A 204 -9.66 4.25 12.50
N PHE A 205 -9.05 3.44 13.38
CA PHE A 205 -7.94 2.56 13.04
C PHE A 205 -8.48 1.21 13.56
N PRO A 206 -9.40 0.61 12.78
CA PRO A 206 -10.07 -0.66 13.07
C PRO A 206 -9.26 -1.94 13.09
N PRO A 207 -9.64 -2.88 13.98
CA PRO A 207 -8.97 -4.17 14.09
C PRO A 207 -9.73 -5.12 13.18
N PHE A 208 -9.27 -6.36 13.04
CA PHE A 208 -9.96 -7.32 12.20
C PHE A 208 -11.23 -7.83 12.85
P AMP B . -4.43 -0.19 -9.43
O1P AMP B . -5.25 -1.28 -9.96
O2P AMP B . -3.76 0.62 -10.50
O3P AMP B . -3.42 -0.67 -8.38
O5' AMP B . -5.53 0.77 -8.68
C5' AMP B . -5.10 1.88 -7.88
C4' AMP B . -6.27 2.90 -7.86
O4' AMP B . -5.69 4.25 -7.76
C3' AMP B . -7.23 2.86 -9.23
O3' AMP B . -8.63 3.12 -8.73
C2' AMP B . -6.58 4.07 -10.09
O2' AMP B . -7.52 4.94 -10.68
C1' AMP B . -5.67 4.92 -9.03
N9 AMP B . -4.25 5.01 -9.48
C8 AMP B . -3.51 4.08 -10.23
N7 AMP B . -2.21 4.38 -10.48
C5 AMP B . -2.15 5.62 -9.85
C6 AMP B . -1.08 6.52 -9.70
N6 AMP B . 0.14 6.18 -10.26
N1 AMP B . -1.36 7.70 -8.99
C2 AMP B . -2.57 7.98 -8.46
N3 AMP B . -3.66 7.18 -8.58
C4 AMP B . -3.38 6.03 -9.24
P AMP C . -9.54 1.15 -4.36
O1P AMP C . -9.87 2.57 -4.51
O2P AMP C . -10.64 0.36 -3.74
O3P AMP C . -8.21 0.95 -3.64
O5' AMP C . -9.39 0.65 -5.92
C5' AMP C . -8.36 -0.33 -6.26
C4' AMP C . -9.05 -1.55 -6.95
O4' AMP C . -8.27 -2.76 -6.58
C3' AMP C . -10.63 -1.80 -6.46
O3' AMP C . -11.34 -2.32 -7.70
C2' AMP C . -10.40 -2.90 -5.31
O2' AMP C . -11.41 -3.88 -5.21
C1' AMP C . -9.00 -3.63 -5.71
N9 AMP C . -8.18 -3.87 -4.50
C8 AMP C . -7.69 -2.93 -3.57
N7 AMP C . -7.08 -3.42 -2.47
C5 AMP C . -7.12 -4.79 -2.79
C6 AMP C . -6.66 -5.92 -2.06
N6 AMP C . -6.08 -5.72 -0.83
N1 AMP C . -6.86 -7.15 -2.68
C2 AMP C . -7.39 -7.29 -3.92
N3 AMP C . -7.85 -6.27 -4.68
C4 AMP C . -7.72 -5.06 -4.05
#